data_4Y1O
#
_entry.id   4Y1O
#
_cell.length_a   84.345
_cell.length_b   132.250
_cell.length_c   84.561
_cell.angle_alpha   90.00
_cell.angle_beta   91.87
_cell.angle_gamma   90.00
#
_symmetry.space_group_name_H-M   'P 1 21 1'
#
loop_
_entity.id
_entity.type
_entity.pdbx_description
1 polymer 'group II intron, domain 1'
2 non-polymer 'MAGNESIUM ION'
3 non-polymer 'POTASSIUM ION'
4 water water
#
_entity_poly.entity_id   1
_entity_poly.type   'polyribonucleotide'
_entity_poly.pdbx_seq_one_letter_code
;GUUAUGUGUGCCCGGCAUGGGUGCAGUCUAUAGGGUGAGAGUCCCGAACUGUGAAGGCAGAAGUAACAGUUAGCCUAACG
CAAGGGUGUCCGUGGAAACAUGGAAUCUGAAGGAAGCGGACGGCAAACCUUCGGUCUGAGGAACACGAACUUCAUAUGAG
GCUAGGUAUCAAUGGAUGAGUUUGCAUAACAAAACAAAGUCCUUUCUGCCAAAGUUGGUACAGAGUAAAUGAAGCAGAUU
GAUGAAGGGAAAGACUGCAUUCUUACCCGGGGAUC
;
_entity_poly.pdbx_strand_id   A,B
#
loop_
_chem_comp.id
_chem_comp.type
_chem_comp.name
_chem_comp.formula
A RNA linking ADENOSINE-5'-MONOPHOSPHATE 'C10 H14 N5 O7 P'
C RNA linking CYTIDINE-5'-MONOPHOSPHATE 'C9 H14 N3 O8 P'
G RNA linking GUANOSINE-5'-MONOPHOSPHATE 'C10 H14 N5 O8 P'
K non-polymer 'POTASSIUM ION' 'K 1'
MG non-polymer 'MAGNESIUM ION' 'Mg 2'
U RNA linking URIDINE-5'-MONOPHOSPHATE 'C9 H13 N2 O9 P'
#
# COMPACT_ATOMS: atom_id res chain seq x y z
MG MG C . 47.19 15.01 11.81
MG MG D . 28.64 -22.30 6.78
MG MG E . 4.53 -19.58 10.11
MG MG F . 8.93 -15.59 11.10
MG MG G . 23.06 -10.95 5.20
MG MG H . 45.63 17.68 -7.78
MG MG I . 53.77 8.49 14.90
K K J . 24.82 2.90 39.38
MG MG K . -3.01 23.81 3.29
MG MG L . -0.28 12.03 7.61
MG MG M . -4.45 9.04 5.41
MG MG N . -41.20 -1.13 -13.45
MG MG O . -43.12 -14.35 -10.06
MG MG P . -35.44 -15.52 -29.17
MG MG Q . 8.77 17.41 -37.19
MG MG R . -31.95 -17.72 -21.72
MG MG S . -21.94 2.47 22.28
MG MG T . -27.87 -26.30 -21.80
MG MG U . 2.45 5.92 -24.13
MG MG V . -6.85 40.60 6.25
K K W . -31.68 -11.94 21.18
#